data_6S0A
#
_entry.id   6S0A
#
_cell.length_a   114.753
_cell.length_b   114.753
_cell.length_c   232.260
_cell.angle_alpha   90.000
_cell.angle_beta   90.000
_cell.angle_gamma   90.000
#
_symmetry.space_group_name_H-M   'I 4 2 2'
#
loop_
_entity.id
_entity.type
_entity.pdbx_description
1 polymer Properdin
2 polymer Properdin
3 branched beta-D-glucopyranose-(1-3)-alpha-L-fucopyranose
4 branched 2-acetamido-2-deoxy-beta-D-glucopyranose-(1-4)-2-acetamido-2-deoxy-beta-D-glucopyranose
5 non-polymer alpha-D-mannopyranose
6 non-polymer alpha-L-fucopyranose
7 water water
#
loop_
_entity_poly.entity_id
_entity_poly.type
_entity_poly.pdbx_seq_one_letter_code
_entity_poly.pdbx_strand_id
1 'polypeptide(L)'
;GSVAGGWGPWGPVSPCPVTCGLGQTMEQRTCNHPVPQHGGPFCAGDATRTHICNTAVPCPVDGEWDSWGEWSPCIRRNMK
SISCQEIPGQQSRGRTCRGRKFDGHRCAGQQQDIRHCYSIQHCPLKGSWSEWSTWGLCMPPCGPNPTRARQRLCTPLLPK
YPPTVSMVEGQGEKNVTFWGRPLPRCEELQGQKLVVEEKRPCLHVPACKDPEEEELAAAHHHHHH
;
A
2 'polypeptide(L)'
;GSDPVLCFTQYEESSGKCKGLLGGGVSVEDCCLNTAFAYQKRSGGLCQPCRSPRWSLWSTWAPCSVTCSEGSQLRYRRCV
GWNGQCSGKVAPGTLEWQLQACEDQQCCPEMGGWSGWGPWEPCSVTCSKGTRTRRRACNHPAPKCGGHCPGQAQESEACD
TQQVCP
;
B
#
# COMPACT_ATOMS: atom_id res chain seq x y z
N SER A 2 -29.19 -11.27 -57.51
CA SER A 2 -28.18 -10.81 -58.54
C SER A 2 -26.92 -10.18 -57.91
N VAL A 3 -27.01 -9.00 -57.27
CA VAL A 3 -25.85 -8.38 -56.54
C VAL A 3 -26.12 -8.42 -55.02
N ALA A 4 -25.28 -9.14 -54.28
CA ALA A 4 -25.24 -9.19 -52.81
C ALA A 4 -24.74 -7.85 -52.26
N GLY A 5 -25.43 -7.28 -51.27
CA GLY A 5 -24.98 -6.06 -50.59
C GLY A 5 -23.62 -6.24 -49.93
N GLY A 6 -22.83 -5.16 -49.86
CA GLY A 6 -21.64 -5.05 -49.00
C GLY A 6 -21.61 -3.72 -48.25
N TRP A 7 -21.01 -3.75 -47.06
CA TRP A 7 -20.88 -2.60 -46.13
C TRP A 7 -19.82 -1.64 -46.65
N GLY A 8 -20.10 -0.34 -46.62
CA GLY A 8 -19.04 0.67 -46.82
C GLY A 8 -18.27 0.86 -45.53
N PRO A 9 -17.32 1.84 -45.45
CA PRO A 9 -16.45 1.96 -44.30
C PRO A 9 -17.19 2.58 -43.12
N TRP A 10 -16.81 2.25 -41.89
CA TRP A 10 -17.33 2.93 -40.68
C TRP A 10 -17.01 4.41 -40.81
N GLY A 11 -18.01 5.24 -40.58
CA GLY A 11 -17.85 6.70 -40.52
C GLY A 11 -18.51 7.32 -39.29
N PRO A 12 -18.16 8.57 -38.92
CA PRO A 12 -18.76 9.23 -37.76
C PRO A 12 -20.21 9.58 -38.07
N VAL A 13 -21.00 9.84 -37.05
CA VAL A 13 -22.42 10.26 -37.23
C VAL A 13 -22.60 11.66 -36.65
N SER A 14 -21.82 12.01 -35.62
CA SER A 14 -21.80 13.33 -34.95
C SER A 14 -20.38 13.83 -34.79
N PRO A 15 -20.18 15.15 -34.64
CA PRO A 15 -18.93 15.71 -34.12
C PRO A 15 -18.61 15.07 -32.75
N CYS A 16 -17.35 14.76 -32.48
CA CYS A 16 -16.88 14.33 -31.14
C CYS A 16 -17.34 15.37 -30.12
N PRO A 17 -18.04 14.93 -29.04
CA PRO A 17 -18.69 15.86 -28.11
C PRO A 17 -17.78 16.50 -27.04
N VAL A 18 -16.47 16.22 -27.05
CA VAL A 18 -15.52 16.86 -26.11
C VAL A 18 -14.60 17.76 -26.90
N THR A 19 -14.03 18.77 -26.24
CA THR A 19 -13.12 19.77 -26.86
C THR A 19 -11.66 19.39 -26.58
N CYS A 20 -11.44 18.37 -25.74
CA CYS A 20 -10.08 17.85 -25.41
C CYS A 20 -10.14 16.37 -24.98
N GLY A 21 -9.06 15.63 -25.22
CA GLY A 21 -8.94 14.20 -24.91
C GLY A 21 -9.96 13.35 -25.64
N LEU A 22 -10.36 12.23 -25.03
CA LEU A 22 -11.21 11.19 -25.67
C LEU A 22 -12.66 11.46 -25.29
N GLY A 23 -13.58 11.05 -26.18
CA GLY A 23 -15.04 11.02 -25.94
C GLY A 23 -15.69 9.78 -26.50
N GLN A 24 -16.99 9.69 -26.27
CA GLN A 24 -17.84 8.52 -26.63
C GLN A 24 -18.79 8.98 -27.72
N THR A 25 -18.70 8.43 -28.90
CA THR A 25 -19.67 8.78 -29.96
C THR A 25 -20.24 7.47 -30.47
N MET A 26 -20.90 7.58 -31.67
CA MET A 26 -21.36 6.53 -32.62
C MET A 26 -20.74 6.66 -34.02
N GLU A 27 -20.41 5.54 -34.65
CA GLU A 27 -20.01 5.49 -36.05
C GLU A 27 -21.10 4.68 -36.76
N GLN A 28 -21.38 5.00 -38.01
CA GLN A 28 -22.33 4.22 -38.85
C GLN A 28 -21.67 3.86 -40.17
N ARG A 29 -22.21 2.84 -40.82
CA ARG A 29 -21.82 2.41 -42.19
C ARG A 29 -23.10 2.10 -42.97
N THR A 30 -22.99 2.05 -44.30
CA THR A 30 -24.12 1.84 -45.23
C THR A 30 -23.87 0.61 -46.13
N CYS A 31 -24.94 -0.11 -46.42
CA CYS A 31 -24.90 -1.29 -47.32
C CYS A 31 -24.97 -0.80 -48.77
N ASN A 32 -23.83 -0.33 -49.31
CA ASN A 32 -23.80 0.34 -50.65
C ASN A 32 -22.44 0.13 -51.32
N HIS A 33 -21.74 -0.94 -50.96
CA HIS A 33 -20.35 -1.25 -51.40
C HIS A 33 -20.23 -2.76 -51.62
N PRO A 34 -21.01 -3.36 -52.53
CA PRO A 34 -21.99 -2.65 -53.36
C PRO A 34 -23.39 -2.65 -52.76
N VAL A 35 -24.26 -1.83 -53.35
CA VAL A 35 -25.72 -1.81 -53.08
C VAL A 35 -26.28 -3.17 -53.52
N PRO A 36 -27.22 -3.79 -52.75
CA PRO A 36 -27.94 -4.96 -53.24
C PRO A 36 -28.77 -4.68 -54.50
N GLN A 37 -28.86 -5.63 -55.43
CA GLN A 37 -29.67 -5.51 -56.66
C GLN A 37 -30.43 -6.83 -56.94
N HIS A 38 -31.64 -6.70 -57.53
CA HIS A 38 -32.44 -7.82 -58.11
C HIS A 38 -32.45 -9.03 -57.19
N GLY A 39 -32.82 -8.83 -55.92
CA GLY A 39 -33.10 -9.94 -55.00
C GLY A 39 -31.86 -10.40 -54.26
N GLY A 40 -30.70 -9.79 -54.51
CA GLY A 40 -29.46 -10.13 -53.81
C GLY A 40 -29.56 -9.75 -52.33
N PRO A 41 -28.95 -10.53 -51.40
CA PRO A 41 -29.07 -10.26 -49.97
C PRO A 41 -28.59 -8.87 -49.51
N PHE A 42 -29.22 -8.37 -48.45
CA PHE A 42 -28.77 -7.16 -47.71
C PHE A 42 -27.53 -7.58 -46.88
N CYS A 43 -26.77 -6.60 -46.40
CA CYS A 43 -25.58 -6.79 -45.54
C CYS A 43 -25.99 -7.38 -44.20
N ALA A 44 -25.23 -8.37 -43.72
CA ALA A 44 -25.40 -8.99 -42.40
C ALA A 44 -24.66 -8.16 -41.33
N GLY A 45 -25.30 -8.03 -40.16
CA GLY A 45 -24.71 -7.41 -38.96
C GLY A 45 -25.24 -6.01 -38.75
N ASP A 46 -24.52 -5.23 -37.94
CA ASP A 46 -24.93 -3.90 -37.43
C ASP A 46 -24.41 -2.77 -38.33
N ALA A 47 -25.33 -1.84 -38.65
CA ALA A 47 -25.03 -0.58 -39.38
C ALA A 47 -24.48 0.47 -38.42
N THR A 48 -24.57 0.26 -37.10
CA THR A 48 -24.23 1.29 -36.09
C THR A 48 -23.29 0.70 -35.04
N ARG A 49 -22.43 1.50 -34.45
CA ARG A 49 -21.67 1.07 -33.24
C ARG A 49 -21.31 2.28 -32.39
N THR A 50 -21.09 2.04 -31.10
CA THR A 50 -20.49 3.05 -30.16
C THR A 50 -18.98 3.13 -30.44
N HIS A 51 -18.35 4.29 -30.41
CA HIS A 51 -16.90 4.34 -30.63
C HIS A 51 -16.31 5.38 -29.68
N ILE A 52 -15.06 5.21 -29.27
CA ILE A 52 -14.27 6.31 -28.67
C ILE A 52 -13.77 7.20 -29.81
N CYS A 53 -13.97 8.53 -29.68
CA CYS A 53 -13.32 9.54 -30.58
C CYS A 53 -12.20 10.25 -29.83
N ASN A 54 -11.03 10.38 -30.46
CA ASN A 54 -9.86 11.11 -29.95
C ASN A 54 -9.84 12.49 -30.59
N THR A 55 -9.83 13.57 -29.80
CA THR A 55 -9.58 14.97 -30.28
C THR A 55 -8.08 15.14 -30.49
N ALA A 56 -7.26 14.32 -29.82
CA ALA A 56 -5.78 14.43 -29.85
C ALA A 56 -5.33 15.74 -29.20
N VAL A 57 -6.26 16.44 -28.52
CA VAL A 57 -5.98 17.75 -27.83
C VAL A 57 -5.93 17.54 -26.33
N PRO A 58 -4.84 17.98 -25.65
CA PRO A 58 -4.68 17.85 -24.20
C PRO A 58 -5.60 18.79 -23.43
N CYS A 59 -6.21 18.35 -22.32
CA CYS A 59 -7.06 19.24 -21.48
C CYS A 59 -6.15 20.09 -20.60
N PRO A 60 -6.64 21.23 -20.09
CA PRO A 60 -5.90 22.00 -19.09
C PRO A 60 -5.63 21.11 -17.88
N VAL A 61 -4.51 21.34 -17.22
CA VAL A 61 -4.11 20.65 -15.96
C VAL A 61 -3.85 21.73 -14.93
N ASP A 62 -4.69 21.77 -13.88
CA ASP A 62 -4.54 22.67 -12.72
C ASP A 62 -3.25 22.30 -12.00
N GLY A 63 -2.51 23.31 -11.52
CA GLY A 63 -1.38 23.09 -10.63
C GLY A 63 -1.84 22.43 -9.35
N GLU A 64 -0.91 21.79 -8.65
CA GLU A 64 -1.16 21.09 -7.37
C GLU A 64 0.04 21.35 -6.45
N TRP A 65 -0.22 21.77 -5.21
CA TRP A 65 0.80 21.93 -4.15
C TRP A 65 1.58 20.62 -3.99
N ASP A 66 2.92 20.71 -3.99
CA ASP A 66 3.81 19.61 -3.52
C ASP A 66 3.74 19.59 -1.99
N SER A 67 4.34 18.62 -1.32
CA SER A 67 4.28 18.58 0.17
C SER A 67 5.08 19.74 0.77
N TRP A 68 4.63 20.24 1.91
CA TRP A 68 5.35 21.26 2.70
C TRP A 68 6.79 20.80 2.89
N GLY A 69 7.75 21.68 2.80
CA GLY A 69 9.14 21.39 3.17
C GLY A 69 9.36 21.39 4.68
N GLU A 70 10.60 21.35 5.12
CA GLU A 70 10.91 21.39 6.58
C GLU A 70 10.81 22.84 7.10
N TRP A 71 10.47 22.98 8.37
CA TRP A 71 10.51 24.26 9.14
C TRP A 71 11.94 24.79 9.10
N SER A 72 12.10 26.05 8.71
CA SER A 72 13.34 26.83 8.90
C SER A 72 13.68 26.91 10.39
N PRO A 73 14.93 27.24 10.75
CA PRO A 73 15.32 27.39 12.16
C PRO A 73 14.47 28.45 12.90
N CYS A 74 14.16 28.16 14.15
CA CYS A 74 13.46 29.10 15.07
C CYS A 74 14.37 30.28 15.39
N ILE A 75 14.00 31.50 14.93
CA ILE A 75 14.80 32.73 15.22
C ILE A 75 13.86 33.91 15.43
N ARG A 76 14.33 34.89 16.20
CA ARG A 76 13.73 36.23 16.38
C ARG A 76 14.49 37.30 15.56
N ARG A 77 13.74 38.25 15.01
CA ARG A 77 14.18 39.22 13.97
C ARG A 77 15.48 39.94 14.40
N ASN A 78 15.57 40.60 15.54
CA ASN A 78 16.79 41.40 15.80
C ASN A 78 17.61 40.79 16.94
N MET A 79 17.76 39.45 16.90
CA MET A 79 18.51 38.71 17.96
C MET A 79 19.38 37.64 17.31
N LYS A 80 20.67 37.61 17.62
CA LYS A 80 21.62 36.55 17.18
C LYS A 80 21.05 35.18 17.57
N SER A 81 20.49 35.04 18.76
CA SER A 81 20.03 33.73 19.30
C SER A 81 18.97 33.89 20.41
N ILE A 82 18.03 32.96 20.47
CA ILE A 82 17.00 32.88 21.57
C ILE A 82 17.00 31.49 22.22
N SER A 83 17.94 30.61 21.84
CA SER A 83 17.88 29.18 22.23
C SER A 83 18.16 29.08 23.73
N CYS A 84 17.46 28.18 24.41
CA CYS A 84 17.52 27.93 25.88
C CYS A 84 17.03 29.17 26.64
N GLN A 85 16.19 29.99 26.01
CA GLN A 85 15.55 31.19 26.61
C GLN A 85 14.06 31.20 26.30
N GLU A 86 13.29 31.77 27.24
CA GLU A 86 11.82 31.94 27.15
C GLU A 86 11.50 33.15 26.27
N ILE A 87 11.90 33.06 25.00
CA ILE A 87 11.80 34.16 23.99
C ILE A 87 11.22 33.49 22.74
N PRO A 88 9.92 33.74 22.45
CA PRO A 88 9.31 33.29 21.20
C PRO A 88 10.02 33.78 19.94
N GLY A 89 10.30 32.86 19.01
CA GLY A 89 10.80 33.19 17.66
C GLY A 89 9.77 32.87 16.61
N GLN A 90 10.20 32.80 15.35
CA GLN A 90 9.33 32.40 14.21
C GLN A 90 10.14 31.54 13.25
N GLN A 91 9.43 30.68 12.53
CA GLN A 91 10.02 29.80 11.48
C GLN A 91 8.97 29.58 10.39
N SER A 92 9.42 29.29 9.17
CA SER A 92 8.54 29.10 8.00
C SER A 92 8.91 27.85 7.22
N ARG A 93 7.96 27.36 6.43
CA ARG A 93 8.19 26.24 5.48
C ARG A 93 7.37 26.54 4.23
N GLY A 94 7.81 26.02 3.10
CA GLY A 94 7.29 26.34 1.76
C GLY A 94 6.84 25.11 1.01
N ARG A 95 6.13 25.33 -0.09
CA ARG A 95 5.65 24.27 -1.01
C ARG A 95 5.59 24.86 -2.41
N THR A 96 5.69 24.04 -3.44
CA THR A 96 5.71 24.51 -4.84
C THR A 96 4.46 23.99 -5.58
N CYS A 97 3.78 24.88 -6.28
CA CYS A 97 2.66 24.54 -7.19
C CYS A 97 3.27 23.78 -8.37
N ARG A 98 2.97 22.48 -8.50
CA ARG A 98 3.57 21.58 -9.52
C ARG A 98 2.52 21.24 -10.58
N GLY A 99 2.89 21.12 -11.86
CA GLY A 99 2.16 20.34 -12.88
C GLY A 99 1.11 21.15 -13.66
N ARG A 100 0.98 22.45 -13.36
CA ARG A 100 0.03 23.37 -14.06
C ARG A 100 0.42 23.41 -15.53
N LYS A 101 -0.55 23.29 -16.45
CA LYS A 101 -0.26 22.95 -17.87
C LYS A 101 -1.45 23.33 -18.77
N PHE A 102 -1.17 23.67 -20.02
CA PHE A 102 -2.14 24.08 -21.06
C PHE A 102 -3.23 24.96 -20.46
N ASP A 103 -2.87 26.04 -19.78
CA ASP A 103 -3.82 27.11 -19.35
C ASP A 103 -4.62 26.61 -18.14
N GLY A 104 -4.10 25.60 -17.43
CA GLY A 104 -4.72 25.15 -16.19
C GLY A 104 -4.59 26.23 -15.12
N HIS A 105 -5.37 26.13 -14.04
CA HIS A 105 -5.35 27.09 -12.90
C HIS A 105 -4.06 26.93 -12.10
N ARG A 106 -3.52 28.06 -11.65
CA ARG A 106 -2.48 28.18 -10.61
C ARG A 106 -3.09 27.71 -9.30
N CYS A 107 -2.24 27.26 -8.36
CA CYS A 107 -2.64 26.77 -7.02
C CYS A 107 -3.05 27.91 -6.08
N ALA A 108 -4.13 27.74 -5.30
CA ALA A 108 -4.74 28.80 -4.48
C ALA A 108 -4.18 28.63 -3.08
N GLY A 109 -4.14 29.71 -2.30
CA GLY A 109 -3.71 29.67 -0.89
C GLY A 109 -2.20 29.86 -0.76
N GLN A 110 -1.67 29.63 0.44
CA GLN A 110 -0.35 30.14 0.89
C GLN A 110 0.74 29.23 0.34
N GLN A 111 1.74 29.83 -0.33
CA GLN A 111 3.00 29.12 -0.74
C GLN A 111 3.92 28.98 0.49
N GLN A 112 3.80 29.84 1.50
CA GLN A 112 4.61 29.85 2.74
C GLN A 112 3.73 29.58 3.96
N ASP A 113 4.23 28.79 4.92
CA ASP A 113 3.57 28.53 6.23
C ASP A 113 4.49 29.00 7.38
N ILE A 114 3.91 29.79 8.30
CA ILE A 114 4.63 30.52 9.40
C ILE A 114 3.98 30.18 10.74
N ARG A 115 4.81 29.99 11.78
CA ARG A 115 4.39 29.71 13.16
C ARG A 115 5.42 30.23 14.17
N HIS A 116 4.95 30.47 15.39
CA HIS A 116 5.77 30.85 16.56
C HIS A 116 6.39 29.59 17.19
N CYS A 117 7.63 29.69 17.62
CA CYS A 117 8.38 28.58 18.21
C CYS A 117 9.17 29.07 19.42
N TYR A 118 9.58 28.16 20.31
CA TYR A 118 10.71 28.30 21.26
C TYR A 118 11.88 27.46 20.74
N SER A 119 13.10 27.97 20.73
CA SER A 119 14.32 27.22 20.33
C SER A 119 14.93 26.53 21.56
N ILE A 120 14.95 25.19 21.56
CA ILE A 120 15.75 24.36 22.51
C ILE A 120 16.83 23.62 21.73
N GLN A 121 17.15 24.10 20.52
CA GLN A 121 18.32 23.62 19.70
C GLN A 121 19.57 23.64 20.57
N HIS A 122 20.21 22.48 20.74
CA HIS A 122 21.47 22.28 21.49
C HIS A 122 21.32 22.67 22.97
N CYS A 123 20.10 22.80 23.49
CA CYS A 123 19.87 23.24 24.89
C CYS A 123 19.96 22.04 25.83
N PRO A 124 20.86 22.09 26.84
CA PRO A 124 21.02 20.98 27.78
C PRO A 124 19.79 21.00 28.70
N LEU A 125 19.07 19.89 28.82
CA LEU A 125 17.92 19.76 29.74
C LEU A 125 18.14 18.52 30.60
N LYS A 126 17.52 18.47 31.78
CA LYS A 126 17.42 17.25 32.60
C LYS A 126 16.56 16.26 31.78
N GLY A 127 16.98 14.99 31.80
CA GLY A 127 16.27 13.91 31.12
C GLY A 127 15.84 12.84 32.10
N SER A 128 15.00 11.90 31.66
CA SER A 128 14.87 10.56 32.33
C SER A 128 14.77 9.54 31.21
N TRP A 129 15.14 8.30 31.50
CA TRP A 129 15.13 7.15 30.55
C TRP A 129 13.70 6.74 30.25
N SER A 130 13.39 6.59 28.96
CA SER A 130 12.10 6.06 28.48
C SER A 130 12.09 4.56 28.73
N GLU A 131 10.89 3.96 28.75
CA GLU A 131 10.72 2.49 28.65
C GLU A 131 10.99 2.10 27.20
N TRP A 132 11.21 0.80 26.96
CA TRP A 132 11.46 0.26 25.60
C TRP A 132 10.40 0.76 24.64
N SER A 133 10.82 1.21 23.45
CA SER A 133 9.91 1.43 22.29
C SER A 133 9.40 0.05 21.86
N THR A 134 8.34 -0.03 21.06
CA THR A 134 8.00 -1.33 20.42
C THR A 134 9.08 -1.59 19.38
N TRP A 135 9.27 -2.86 19.01
CA TRP A 135 10.19 -3.30 17.96
C TRP A 135 9.86 -2.53 16.69
N GLY A 136 10.87 -1.95 16.04
CA GLY A 136 10.67 -1.20 14.78
C GLY A 136 10.42 -2.16 13.63
N LEU A 137 10.40 -1.68 12.39
CA LEU A 137 10.25 -2.56 11.22
C LEU A 137 11.52 -3.39 11.06
N CYS A 138 11.45 -4.48 10.33
CA CYS A 138 12.64 -5.25 9.87
C CYS A 138 13.29 -4.51 8.70
N MET A 139 14.55 -4.12 8.84
CA MET A 139 15.28 -3.27 7.88
C MET A 139 16.58 -3.98 7.50
N PRO A 140 16.95 -4.02 6.20
CA PRO A 140 16.07 -3.64 5.10
C PRO A 140 14.99 -4.69 4.81
N PRO A 141 13.79 -4.26 4.37
CA PRO A 141 12.62 -5.15 4.33
C PRO A 141 12.69 -6.17 3.18
N CYS A 142 13.42 -5.85 2.12
CA CYS A 142 13.61 -6.72 0.92
C CYS A 142 15.09 -7.10 0.77
N GLY A 143 15.99 -6.45 1.51
CA GLY A 143 17.46 -6.60 1.39
C GLY A 143 17.97 -7.89 2.03
N PRO A 144 19.27 -7.99 2.34
CA PRO A 144 19.90 -9.28 2.66
C PRO A 144 19.58 -9.83 4.06
N ASN A 145 19.57 -9.00 5.11
CA ASN A 145 19.61 -9.50 6.51
C ASN A 145 18.73 -8.64 7.42
N PRO A 146 17.39 -8.73 7.23
CA PRO A 146 16.42 -7.91 7.95
C PRO A 146 16.61 -8.09 9.46
N THR A 147 16.86 -6.97 10.14
CA THR A 147 16.94 -6.89 11.61
C THR A 147 16.01 -5.80 12.12
N ARG A 148 15.31 -6.06 13.22
CA ARG A 148 14.42 -5.06 13.86
C ARG A 148 15.03 -4.63 15.20
N ALA A 149 14.64 -3.44 15.68
CA ALA A 149 15.29 -2.76 16.84
C ALA A 149 14.22 -2.15 17.73
N ARG A 150 14.50 -2.04 19.03
CA ARG A 150 13.77 -1.12 19.93
C ARG A 150 14.85 -0.39 20.73
N GLN A 151 14.49 0.73 21.35
CA GLN A 151 15.42 1.66 22.03
C GLN A 151 14.77 2.13 23.33
N ARG A 152 15.61 2.45 24.30
CA ARG A 152 15.31 3.38 25.41
C ARG A 152 16.08 4.68 25.12
N LEU A 153 15.43 5.82 25.27
CA LEU A 153 16.06 7.12 24.97
C LEU A 153 16.08 7.96 26.25
N CYS A 154 17.16 8.67 26.47
CA CYS A 154 17.16 9.80 27.41
C CYS A 154 16.20 10.86 26.87
N THR A 155 14.92 10.81 27.21
CA THR A 155 13.91 11.81 26.77
C THR A 155 14.10 13.01 27.66
N PRO A 156 14.08 14.28 27.15
CA PRO A 156 14.16 15.55 27.89
C PRO A 156 12.84 15.97 28.54
N LEU A 157 12.98 16.54 29.74
CA LEU A 157 11.92 17.24 30.52
C LEU A 157 11.94 18.69 30.02
N LEU A 158 10.87 19.06 29.29
CA LEU A 158 10.74 20.36 28.60
C LEU A 158 10.35 21.38 29.65
N PRO A 159 10.81 22.64 29.50
CA PRO A 159 10.45 23.74 30.39
C PRO A 159 8.94 24.02 30.41
N LYS A 160 8.37 24.35 31.56
CA LYS A 160 6.92 24.68 31.70
C LYS A 160 6.73 26.12 31.24
N TYR A 161 6.85 26.36 29.93
CA TYR A 161 6.66 27.67 29.28
C TYR A 161 5.22 27.78 28.85
N PRO A 162 4.69 29.02 28.70
CA PRO A 162 3.35 29.23 28.16
C PRO A 162 3.19 28.59 26.78
N PRO A 163 2.09 27.85 26.53
CA PRO A 163 1.70 27.39 25.20
C PRO A 163 1.38 28.48 24.19
N THR A 164 1.11 29.72 24.61
CA THR A 164 0.67 30.84 23.74
C THR A 164 1.49 32.12 24.02
N VAL A 165 1.30 33.08 23.12
CA VAL A 165 1.99 34.40 23.07
C VAL A 165 1.01 35.48 22.53
N SER A 166 1.43 36.72 22.29
CA SER A 166 0.51 37.78 21.79
C SER A 166 1.28 38.93 21.15
N MET A 167 0.52 39.86 20.56
CA MET A 167 0.94 41.22 20.12
C MET A 167 -0.12 42.23 20.60
N VAL A 168 -0.29 42.31 21.93
CA VAL A 168 -1.34 43.08 22.68
C VAL A 168 -2.72 42.67 22.16
N GLU A 173 -3.90 35.77 21.10
CA GLU A 173 -3.06 34.63 21.58
C GLU A 173 -2.70 33.72 20.39
N LYS A 174 -1.40 33.51 20.15
CA LYS A 174 -0.82 32.60 19.11
C LYS A 174 -0.05 31.44 19.80
N ASN A 175 -0.14 30.23 19.24
CA ASN A 175 0.51 28.99 19.73
C ASN A 175 2.01 29.07 19.50
N VAL A 176 2.80 28.61 20.47
CA VAL A 176 4.29 28.58 20.43
C VAL A 176 4.73 27.13 20.61
N THR A 177 5.48 26.59 19.65
CA THR A 177 5.89 25.18 19.64
C THR A 177 7.40 25.11 19.92
N PHE A 178 7.82 24.19 20.79
CA PHE A 178 9.26 23.88 20.94
C PHE A 178 9.78 23.31 19.61
N TRP A 179 10.99 23.71 19.25
CA TRP A 179 11.74 23.25 18.06
C TRP A 179 13.18 23.04 18.50
N GLY A 180 13.87 22.10 17.87
CA GLY A 180 15.32 21.91 18.03
C GLY A 180 15.58 20.68 18.84
N ARG A 181 16.79 20.13 18.69
CA ARG A 181 17.22 18.89 19.35
C ARG A 181 17.99 19.32 20.60
N PRO A 182 17.40 19.19 21.81
CA PRO A 182 18.11 19.51 23.04
C PRO A 182 19.18 18.45 23.30
N LEU A 183 19.90 18.60 24.41
CA LEU A 183 20.96 17.68 24.88
C LEU A 183 20.56 17.22 26.28
N PRO A 184 19.74 16.14 26.39
CA PRO A 184 19.17 15.73 27.67
C PRO A 184 20.25 15.05 28.52
N ARG A 185 20.24 15.27 29.83
CA ARG A 185 21.28 14.77 30.78
C ARG A 185 20.63 13.70 31.66
N CYS A 186 21.13 12.45 31.56
CA CYS A 186 20.64 11.24 32.27
C CYS A 186 21.78 10.65 33.11
N GLU A 187 21.44 9.83 34.11
CA GLU A 187 22.40 8.80 34.63
C GLU A 187 22.62 7.74 33.53
N GLU A 188 23.90 7.35 33.34
CA GLU A 188 24.37 6.32 32.38
C GLU A 188 23.59 5.03 32.62
N LEU A 189 23.01 4.48 31.56
CA LEU A 189 22.28 3.20 31.60
C LEU A 189 22.94 2.23 30.63
N GLN A 190 23.49 1.14 31.17
CA GLN A 190 24.13 0.05 30.38
C GLN A 190 25.22 0.69 29.52
N GLY A 191 26.00 1.60 30.11
CA GLY A 191 27.16 2.25 29.48
C GLY A 191 26.81 3.34 28.47
N GLN A 192 25.53 3.71 28.33
CA GLN A 192 25.07 4.75 27.36
C GLN A 192 24.56 6.00 28.07
N LYS A 193 24.73 7.17 27.43
CA LYS A 193 24.30 8.49 27.98
C LYS A 193 23.00 8.96 27.28
N LEU A 194 22.62 8.40 26.13
CA LEU A 194 21.52 8.95 25.27
C LEU A 194 20.59 7.85 24.70
N VAL A 195 21.14 6.76 24.17
CA VAL A 195 20.34 5.72 23.45
C VAL A 195 20.82 4.33 23.85
N VAL A 196 19.91 3.48 24.37
CA VAL A 196 20.20 2.03 24.52
C VAL A 196 19.27 1.24 23.56
N GLU A 197 19.90 0.40 22.72
CA GLU A 197 19.25 -0.30 21.58
C GLU A 197 19.31 -1.83 21.79
N GLU A 198 18.19 -2.53 21.55
CA GLU A 198 18.17 -3.99 21.26
C GLU A 198 17.91 -4.23 19.77
N LYS A 199 18.73 -5.05 19.09
CA LYS A 199 18.47 -5.50 17.69
C LYS A 199 18.17 -6.99 17.72
N ARG A 200 17.39 -7.51 16.77
CA ARG A 200 17.32 -8.97 16.55
C ARG A 200 16.91 -9.24 15.11
N PRO A 201 17.40 -10.38 14.56
CA PRO A 201 17.11 -10.74 13.17
C PRO A 201 15.62 -11.08 13.05
N CYS A 202 15.01 -10.73 11.90
CA CYS A 202 13.65 -11.18 11.55
C CYS A 202 13.80 -12.57 10.91
N LEU A 203 12.88 -13.48 11.24
CA LEU A 203 13.01 -14.94 10.97
C LEU A 203 12.10 -15.34 9.81
N HIS A 204 12.53 -16.37 9.06
CA HIS A 204 11.79 -16.99 7.93
C HIS A 204 11.33 -15.86 7.01
N VAL A 205 12.30 -15.09 6.50
CA VAL A 205 12.05 -13.85 5.70
C VAL A 205 11.55 -14.26 4.31
N PRO A 206 10.35 -13.81 3.87
CA PRO A 206 9.91 -14.05 2.50
C PRO A 206 10.53 -13.11 1.45
N ALA A 207 11.06 -13.63 0.32
CA ALA A 207 11.32 -12.86 -0.91
C ALA A 207 10.05 -12.09 -1.32
N CYS A 208 10.22 -10.81 -1.65
CA CYS A 208 9.14 -9.85 -2.05
C CYS A 208 9.14 -9.67 -3.57
N LYS A 209 8.10 -10.18 -4.23
CA LYS A 209 7.95 -10.34 -5.69
C LYS A 209 6.67 -9.60 -6.07
N ASP A 210 6.78 -8.73 -7.08
CA ASP A 210 5.68 -7.88 -7.62
C ASP A 210 4.36 -8.66 -7.65
N PRO A 211 3.30 -8.19 -6.95
CA PRO A 211 1.99 -8.87 -6.98
C PRO A 211 1.13 -8.56 -8.22
N GLU A 212 1.67 -7.79 -9.17
CA GLU A 212 1.25 -7.72 -10.59
C GLU A 212 2.31 -8.46 -11.44
N GLU A 213 2.51 -9.76 -11.17
CA GLU A 213 3.50 -10.65 -11.86
C GLU A 213 4.69 -9.81 -12.35
N SER B 2 1.91 2.48 -28.34
CA SER B 2 0.72 1.82 -28.96
C SER B 2 0.45 0.45 -28.31
N ASP B 3 0.50 0.41 -26.97
CA ASP B 3 0.09 -0.76 -26.15
C ASP B 3 -1.30 -0.50 -25.56
N PRO B 4 -2.38 -0.98 -26.19
CA PRO B 4 -3.75 -0.66 -25.82
C PRO B 4 -3.96 -0.88 -24.32
N VAL B 5 -4.62 0.09 -23.71
CA VAL B 5 -5.02 0.10 -22.28
C VAL B 5 -6.53 0.25 -22.26
N LEU B 6 -7.14 -0.07 -21.10
CA LEU B 6 -8.53 0.30 -20.74
C LEU B 6 -8.50 1.68 -20.09
N CYS B 7 -9.31 2.60 -20.64
CA CYS B 7 -9.41 4.03 -20.29
C CYS B 7 -10.69 4.22 -19.46
N PHE B 8 -10.57 4.86 -18.31
CA PHE B 8 -11.68 5.09 -17.36
C PHE B 8 -11.88 6.58 -17.23
N THR B 9 -13.10 7.02 -16.95
CA THR B 9 -13.52 8.44 -16.89
C THR B 9 -13.12 8.99 -15.50
N GLN B 10 -12.87 8.15 -14.50
CA GLN B 10 -12.52 8.70 -13.19
C GLN B 10 -11.71 7.71 -12.38
N TYR B 11 -11.05 8.27 -11.37
CA TYR B 11 -10.33 7.56 -10.27
C TYR B 11 -11.03 7.79 -8.93
N GLU B 12 -11.40 6.74 -8.20
CA GLU B 12 -11.93 6.80 -6.83
C GLU B 12 -10.73 6.87 -5.88
N GLU B 13 -10.49 8.06 -5.34
CA GLU B 13 -9.36 8.37 -4.41
C GLU B 13 -9.35 7.37 -3.25
N SER B 14 -10.44 7.31 -2.49
CA SER B 14 -10.63 6.42 -1.31
C SER B 14 -10.12 5.00 -1.59
N SER B 15 -10.61 4.38 -2.66
CA SER B 15 -10.41 2.95 -3.02
C SER B 15 -9.19 2.79 -3.93
N GLY B 16 -8.86 3.81 -4.76
CA GLY B 16 -7.86 3.72 -5.83
C GLY B 16 -8.35 2.87 -7.00
N LYS B 17 -9.68 2.80 -7.17
CA LYS B 17 -10.37 2.00 -8.21
C LYS B 17 -10.64 2.88 -9.44
N CYS B 18 -10.47 2.27 -10.62
CA CYS B 18 -10.93 2.77 -11.95
C CYS B 18 -12.45 2.64 -12.05
N LYS B 19 -13.12 3.69 -12.53
CA LYS B 19 -14.61 3.79 -12.58
C LYS B 19 -14.97 4.46 -13.90
N GLY B 20 -16.11 4.07 -14.50
CA GLY B 20 -16.61 4.62 -15.77
C GLY B 20 -15.69 4.30 -16.93
N LEU B 21 -15.58 3.01 -17.32
CA LEU B 21 -14.79 2.57 -18.49
C LEU B 21 -15.32 3.28 -19.73
N LEU B 22 -14.43 3.95 -20.46
CA LEU B 22 -14.70 4.44 -21.85
C LEU B 22 -14.53 3.24 -22.76
N GLY B 23 -13.43 2.51 -22.59
CA GLY B 23 -13.13 1.29 -23.36
C GLY B 23 -11.65 1.17 -23.64
N GLY B 24 -11.29 0.31 -24.61
CA GLY B 24 -9.92 -0.10 -24.93
C GLY B 24 -9.46 0.40 -26.29
N GLY B 25 -8.28 -0.04 -26.71
CA GLY B 25 -7.74 0.22 -28.07
C GLY B 25 -7.08 1.58 -28.12
N VAL B 26 -6.86 2.20 -26.95
CA VAL B 26 -6.18 3.52 -26.86
C VAL B 26 -4.85 3.34 -26.13
N SER B 27 -3.90 4.22 -26.43
CA SER B 27 -2.65 4.36 -25.67
C SER B 27 -2.96 5.07 -24.35
N VAL B 28 -2.08 4.90 -23.36
CA VAL B 28 -2.07 5.70 -22.10
C VAL B 28 -1.96 7.18 -22.47
N GLU B 29 -1.11 7.51 -23.45
CA GLU B 29 -0.86 8.90 -23.90
C GLU B 29 -2.18 9.58 -24.27
N ASP B 30 -3.07 8.88 -24.96
CA ASP B 30 -4.36 9.39 -25.46
C ASP B 30 -5.37 9.39 -24.31
N CYS B 31 -5.43 8.31 -23.56
CA CYS B 31 -6.26 8.22 -22.34
C CYS B 31 -5.99 9.44 -21.45
N CYS B 32 -4.72 9.78 -21.23
CA CYS B 32 -4.29 10.72 -20.16
C CYS B 32 -4.22 12.16 -20.69
N LEU B 33 -4.55 12.40 -21.96
CA LEU B 33 -4.79 13.76 -22.51
C LEU B 33 -5.75 14.48 -21.57
N ASN B 34 -6.63 13.73 -20.92
CA ASN B 34 -7.46 14.20 -19.79
C ASN B 34 -6.88 13.63 -18.50
N THR B 35 -6.30 14.48 -17.65
CA THR B 35 -5.58 14.07 -16.41
C THR B 35 -6.58 13.64 -15.33
N ALA B 36 -7.87 13.90 -15.56
CA ALA B 36 -9.01 13.45 -14.70
C ALA B 36 -9.26 11.95 -14.90
N PHE B 37 -8.78 11.38 -16.02
CA PHE B 37 -9.00 9.95 -16.41
C PHE B 37 -8.04 9.06 -15.64
N ALA B 38 -8.23 7.75 -15.78
CA ALA B 38 -7.42 6.68 -15.17
C ALA B 38 -7.32 5.55 -16.19
N TYR B 39 -6.33 4.69 -16.07
CA TYR B 39 -6.22 3.47 -16.92
C TYR B 39 -5.82 2.24 -16.11
N GLN B 40 -6.08 1.08 -16.73
CA GLN B 40 -5.57 -0.31 -16.48
C GLN B 40 -4.84 -0.87 -17.69
N LYS B 41 -3.62 -1.41 -17.50
CA LYS B 41 -2.78 -1.99 -18.55
C LYS B 41 -3.37 -3.35 -18.93
N ARG B 42 -4.01 -4.04 -17.98
CA ARG B 42 -4.77 -5.30 -18.22
C ARG B 42 -6.10 -5.19 -17.49
N SER B 43 -7.14 -5.85 -18.00
CA SER B 43 -8.52 -5.93 -17.44
C SER B 43 -8.46 -6.46 -15.99
N GLY B 44 -8.80 -5.59 -15.03
CA GLY B 44 -9.09 -5.93 -13.61
C GLY B 44 -7.98 -5.57 -12.64
N GLY B 45 -6.77 -5.35 -13.17
CA GLY B 45 -5.57 -5.09 -12.37
C GLY B 45 -5.47 -3.63 -11.96
N LEU B 46 -4.24 -3.19 -11.75
CA LEU B 46 -3.89 -1.93 -11.04
C LEU B 46 -4.41 -0.71 -11.81
N CYS B 47 -5.26 0.08 -11.18
CA CYS B 47 -5.78 1.34 -11.74
C CYS B 47 -4.76 2.45 -11.49
N GLN B 48 -4.26 3.10 -12.53
CA GLN B 48 -3.35 4.28 -12.51
C GLN B 48 -4.16 5.51 -12.87
N PRO B 49 -4.15 6.58 -12.04
CA PRO B 49 -4.73 7.84 -12.46
C PRO B 49 -3.79 8.54 -13.46
N CYS B 50 -4.33 9.40 -14.28
CA CYS B 50 -3.58 10.16 -15.32
C CYS B 50 -2.96 11.42 -14.73
N ARG B 51 -3.43 11.86 -13.56
CA ARG B 51 -2.80 13.01 -12.85
C ARG B 51 -1.38 12.62 -12.42
N SER B 52 -0.69 13.59 -11.84
CA SER B 52 0.64 13.54 -11.16
C SER B 52 0.74 12.32 -10.22
N PRO B 53 1.90 11.57 -10.16
CA PRO B 53 2.21 10.44 -9.23
C PRO B 53 2.20 10.76 -7.73
N ARG B 54 1.31 10.09 -6.96
CA ARG B 54 1.25 10.10 -5.48
C ARG B 54 1.27 8.64 -4.99
N TRP B 55 1.76 8.43 -3.77
CA TRP B 55 1.76 7.12 -3.04
C TRP B 55 0.34 6.62 -2.85
N SER B 56 0.10 5.34 -3.11
CA SER B 56 -1.17 4.64 -2.82
C SER B 56 -1.22 4.30 -1.34
N LEU B 57 -2.34 3.73 -0.93
CA LEU B 57 -2.53 3.14 0.43
C LEU B 57 -1.61 1.91 0.61
N TRP B 58 -0.93 1.83 1.75
CA TRP B 58 -0.34 0.55 2.28
C TRP B 58 -1.35 -0.59 2.10
N SER B 59 -0.88 -1.73 1.62
CA SER B 59 -1.73 -2.92 1.39
C SER B 59 -2.02 -3.57 2.75
N THR B 60 -2.81 -4.63 2.71
CA THR B 60 -3.03 -5.56 3.87
C THR B 60 -1.76 -6.37 4.14
N TRP B 61 -1.39 -6.57 5.42
CA TRP B 61 -0.30 -7.46 5.85
C TRP B 61 -0.54 -8.87 5.32
N ALA B 62 0.42 -9.43 4.57
CA ALA B 62 0.41 -10.83 4.08
C ALA B 62 0.48 -11.75 5.28
N PRO B 63 -0.07 -12.99 5.23
CA PRO B 63 -0.04 -13.89 6.39
C PRO B 63 1.36 -14.38 6.78
N CYS B 64 1.54 -14.75 8.04
CA CYS B 64 2.86 -15.03 8.65
C CYS B 64 3.54 -16.23 7.97
N SER B 65 4.80 -16.07 7.60
CA SER B 65 5.62 -17.07 6.85
C SER B 65 5.67 -18.45 7.53
N VAL B 66 5.41 -18.52 8.84
CA VAL B 66 5.29 -19.82 9.57
C VAL B 66 4.01 -19.74 10.42
N THR B 67 3.37 -20.89 10.66
CA THR B 67 2.04 -20.99 11.33
C THR B 67 2.20 -21.32 12.82
N CYS B 68 3.40 -21.71 13.25
CA CYS B 68 3.63 -22.22 14.62
C CYS B 68 4.62 -21.33 15.39
N SER B 69 5.59 -20.70 14.71
CA SER B 69 6.79 -20.12 15.37
C SER B 69 6.78 -18.58 15.23
N GLU B 70 7.94 -17.94 15.40
CA GLU B 70 8.19 -16.51 15.05
C GLU B 70 8.54 -16.41 13.57
N GLY B 71 7.75 -15.64 12.83
CA GLY B 71 7.97 -15.40 11.39
C GLY B 71 7.91 -13.92 11.15
N SER B 72 7.85 -13.54 9.88
CA SER B 72 7.71 -12.14 9.43
C SER B 72 6.70 -12.09 8.28
N GLN B 73 6.21 -10.90 7.94
CA GLN B 73 5.15 -10.71 6.91
C GLN B 73 5.37 -9.37 6.23
N LEU B 74 5.03 -9.29 4.94
CA LEU B 74 5.28 -8.10 4.08
C LEU B 74 3.97 -7.35 3.82
N ARG B 75 4.11 -6.09 3.43
CA ARG B 75 3.05 -5.26 2.82
C ARG B 75 3.77 -4.24 1.94
N TYR B 76 3.03 -3.50 1.12
CA TYR B 76 3.59 -2.60 0.09
C TYR B 76 2.72 -1.35 -0.06
N ARG B 77 3.28 -0.33 -0.69
CA ARG B 77 2.54 0.81 -1.30
C ARG B 77 3.18 1.10 -2.66
N ARG B 78 2.45 1.78 -3.53
CA ARG B 78 2.75 1.86 -4.98
C ARG B 78 2.81 3.30 -5.46
N CYS B 79 3.77 3.59 -6.31
CA CYS B 79 3.82 4.85 -7.09
C CYS B 79 2.74 4.80 -8.17
N VAL B 80 1.65 5.56 -8.01
CA VAL B 80 0.50 5.49 -8.96
C VAL B 80 0.19 6.89 -9.52
N GLY B 81 0.24 7.00 -10.84
CA GLY B 81 0.05 8.23 -11.62
C GLY B 81 0.67 8.05 -12.98
N TRP B 82 0.98 9.13 -13.71
CA TRP B 82 1.56 8.93 -15.08
C TRP B 82 2.58 10.00 -15.48
N ASN B 83 2.46 11.26 -15.06
CA ASN B 83 3.45 12.27 -15.52
C ASN B 83 4.37 12.76 -14.39
N GLY B 84 5.41 11.98 -14.06
CA GLY B 84 6.40 12.40 -13.04
C GLY B 84 6.89 11.29 -12.12
N GLN B 85 7.09 11.64 -10.83
CA GLN B 85 7.67 10.80 -9.78
C GLN B 85 6.99 11.04 -8.43
N CYS B 86 7.06 10.08 -7.52
CA CYS B 86 6.29 10.05 -6.23
C CYS B 86 7.07 10.73 -5.08
N SER B 87 8.07 10.07 -4.48
CA SER B 87 8.97 10.70 -3.47
C SER B 87 10.42 10.25 -3.69
N GLY B 88 11.32 11.22 -3.85
CA GLY B 88 12.69 11.04 -4.40
C GLY B 88 12.64 11.14 -5.91
N LYS B 89 13.40 10.27 -6.59
CA LYS B 89 13.42 10.10 -8.06
C LYS B 89 12.81 8.71 -8.35
N VAL B 90 11.59 8.45 -7.85
CA VAL B 90 10.90 7.13 -7.98
C VAL B 90 9.72 7.27 -8.97
N ALA B 91 9.81 6.63 -10.14
CA ALA B 91 8.77 6.67 -11.20
C ALA B 91 7.74 5.58 -10.92
N PRO B 92 6.48 5.80 -11.37
CA PRO B 92 5.35 4.91 -11.13
C PRO B 92 5.49 3.41 -11.41
N GLY B 93 4.70 2.61 -10.69
CA GLY B 93 4.69 1.13 -10.81
C GLY B 93 5.81 0.53 -9.99
N THR B 94 6.46 1.34 -9.16
CA THR B 94 7.61 1.00 -8.28
C THR B 94 7.02 0.76 -6.88
N LEU B 95 7.40 -0.31 -6.20
CA LEU B 95 6.81 -0.62 -4.87
C LEU B 95 7.73 -0.13 -3.74
N GLU B 96 7.15 0.37 -2.64
CA GLU B 96 7.84 0.54 -1.34
C GLU B 96 7.38 -0.64 -0.51
N TRP B 97 8.24 -1.21 0.34
CA TRP B 97 7.88 -2.42 1.11
C TRP B 97 8.06 -2.12 2.59
N GLN B 98 7.25 -2.77 3.43
CA GLN B 98 7.41 -2.82 4.90
C GLN B 98 7.39 -4.30 5.32
N LEU B 99 8.37 -4.70 6.15
CA LEU B 99 8.53 -6.08 6.67
C LEU B 99 8.41 -6.03 8.20
N GLN B 100 7.48 -6.80 8.75
CA GLN B 100 7.06 -6.77 10.17
C GLN B 100 7.26 -8.18 10.74
N ALA B 101 7.74 -8.30 11.97
CA ALA B 101 7.75 -9.59 12.70
C ALA B 101 6.32 -10.00 12.96
N CYS B 102 6.11 -11.30 13.12
CA CYS B 102 4.79 -11.89 13.33
C CYS B 102 4.96 -13.26 13.97
N GLU B 103 3.89 -13.66 14.61
CA GLU B 103 3.76 -14.97 15.31
C GLU B 103 2.31 -15.41 15.34
N ASP B 104 2.03 -16.64 14.89
CA ASP B 104 0.65 -17.22 14.91
C ASP B 104 0.41 -17.88 16.27
N GLN B 105 1.39 -18.64 16.79
CA GLN B 105 1.38 -19.25 18.15
C GLN B 105 2.77 -19.10 18.78
N GLN B 106 2.83 -19.01 20.12
CA GLN B 106 4.12 -18.95 20.88
C GLN B 106 4.82 -20.31 20.73
N CYS B 107 4.05 -21.41 20.68
CA CYS B 107 4.53 -22.81 20.72
C CYS B 107 4.48 -23.46 19.33
N CYS B 108 5.27 -24.51 19.13
CA CYS B 108 5.22 -25.38 17.92
C CYS B 108 4.82 -26.79 18.34
N PRO B 109 4.07 -27.55 17.51
CA PRO B 109 3.65 -28.91 17.89
C PRO B 109 4.83 -29.89 17.92
N GLU B 110 5.06 -30.53 19.07
CA GLU B 110 6.10 -31.57 19.25
C GLU B 110 5.44 -32.95 19.15
N MET B 111 6.19 -33.95 18.66
CA MET B 111 5.70 -35.29 18.26
C MET B 111 5.68 -36.24 19.46
N GLY B 112 4.74 -37.18 19.47
CA GLY B 112 4.54 -38.13 20.59
C GLY B 112 5.22 -39.47 20.36
N GLY B 113 5.32 -40.28 21.43
CA GLY B 113 5.72 -41.69 21.36
C GLY B 113 4.68 -42.58 22.04
N TRP B 114 4.57 -43.84 21.59
CA TRP B 114 3.54 -44.81 22.03
C TRP B 114 3.94 -45.45 23.37
N SER B 115 3.01 -46.16 24.00
CA SER B 115 3.13 -46.79 25.34
C SER B 115 3.27 -48.32 25.19
N GLY B 116 2.21 -48.98 24.73
CA GLY B 116 2.08 -50.45 24.70
C GLY B 116 0.64 -50.88 24.62
N TRP B 117 0.32 -51.76 23.68
CA TRP B 117 -1.06 -52.24 23.37
C TRP B 117 -1.72 -52.78 24.64
N GLY B 118 -3.00 -52.46 24.85
CA GLY B 118 -3.82 -52.94 25.98
C GLY B 118 -4.32 -54.38 25.76
N PRO B 119 -5.29 -54.87 26.59
CA PRO B 119 -5.95 -56.16 26.39
C PRO B 119 -7.11 -56.07 25.38
N TRP B 120 -7.42 -57.14 24.66
CA TRP B 120 -8.42 -57.16 23.57
C TRP B 120 -9.84 -57.03 24.12
N GLU B 121 -10.78 -56.59 23.27
CA GLU B 121 -12.23 -56.55 23.55
C GLU B 121 -12.88 -57.86 23.05
N PRO B 122 -14.22 -57.99 23.11
CA PRO B 122 -14.95 -59.14 22.52
C PRO B 122 -15.55 -58.90 21.12
N CYS B 123 -16.37 -59.83 20.60
CA CYS B 123 -16.94 -59.77 19.21
C CYS B 123 -18.45 -59.50 19.25
N SER B 124 -19.27 -60.57 19.24
CA SER B 124 -20.76 -60.58 19.25
C SER B 124 -21.21 -62.00 19.62
N VAL B 125 -22.17 -62.18 20.54
CA VAL B 125 -22.57 -63.55 21.01
C VAL B 125 -24.02 -63.86 20.67
N THR B 126 -24.89 -62.85 20.48
CA THR B 126 -26.30 -63.06 20.05
C THR B 126 -26.29 -64.02 18.86
N CYS B 127 -25.30 -63.89 17.95
CA CYS B 127 -25.04 -64.78 16.78
C CYS B 127 -23.54 -64.80 16.44
N SER B 128 -23.14 -65.31 15.27
CA SER B 128 -21.71 -65.65 15.00
C SER B 128 -21.07 -64.73 13.96
N LYS B 129 -19.73 -64.69 13.97
CA LYS B 129 -18.81 -63.88 13.11
C LYS B 129 -18.93 -62.39 13.47
N GLY B 130 -17.90 -61.85 14.15
CA GLY B 130 -17.82 -60.43 14.56
C GLY B 130 -16.42 -59.87 14.34
N THR B 131 -16.02 -58.89 15.14
CA THR B 131 -14.67 -58.26 15.08
C THR B 131 -14.16 -58.00 16.49
N ARG B 132 -12.83 -57.97 16.65
CA ARG B 132 -12.15 -57.78 17.95
C ARG B 132 -11.09 -56.69 17.80
N THR B 133 -11.00 -55.72 18.72
CA THR B 133 -10.02 -54.60 18.62
C THR B 133 -9.17 -54.48 19.89
N ARG B 134 -8.11 -53.68 19.80
CA ARG B 134 -7.13 -53.40 20.89
C ARG B 134 -6.80 -51.90 20.88
N ARG B 135 -6.21 -51.36 21.95
CA ARG B 135 -6.01 -49.89 22.14
C ARG B 135 -4.65 -49.57 22.76
N ARG B 136 -4.29 -48.27 22.75
CA ARG B 136 -3.06 -47.70 23.35
C ARG B 136 -3.18 -46.17 23.40
N ALA B 137 -2.15 -45.46 23.89
CA ALA B 137 -2.10 -43.99 24.00
C ALA B 137 -0.64 -43.50 24.02
N CYS B 138 -0.43 -42.18 23.92
CA CYS B 138 0.92 -41.53 23.89
C CYS B 138 1.47 -41.34 25.31
N ASN B 139 1.08 -42.20 26.26
CA ASN B 139 1.52 -42.20 27.68
C ASN B 139 3.06 -42.12 27.74
N HIS B 140 3.75 -42.33 26.63
CA HIS B 140 5.22 -42.18 26.52
C HIS B 140 5.57 -40.70 26.37
N PRO B 141 6.34 -40.32 25.33
CA PRO B 141 6.59 -38.90 25.06
C PRO B 141 5.26 -38.26 24.67
N ALA B 142 4.43 -37.90 25.65
CA ALA B 142 3.09 -37.32 25.42
C ALA B 142 3.26 -36.07 24.56
N PRO B 143 2.45 -35.88 23.48
CA PRO B 143 2.65 -34.76 22.56
C PRO B 143 2.58 -33.40 23.26
N LYS B 144 3.39 -32.43 22.84
CA LYS B 144 3.64 -31.15 23.56
C LYS B 144 2.54 -30.13 23.25
N CYS B 145 2.43 -29.66 22.00
CA CYS B 145 1.51 -28.57 21.61
C CYS B 145 0.57 -29.05 20.51
N GLY B 146 -0.53 -29.69 20.90
CA GLY B 146 -1.43 -30.42 19.99
C GLY B 146 -0.76 -31.71 19.54
N GLY B 147 0.24 -31.60 18.66
CA GLY B 147 1.10 -32.71 18.23
C GLY B 147 0.31 -33.90 17.74
N HIS B 148 0.97 -35.05 17.59
CA HIS B 148 0.37 -36.32 17.12
C HIS B 148 1.41 -37.43 17.32
N CYS B 149 0.95 -38.65 17.63
CA CYS B 149 1.78 -39.88 17.64
C CYS B 149 1.78 -40.45 16.23
N PRO B 150 2.91 -40.98 15.71
CA PRO B 150 2.94 -41.60 14.39
C PRO B 150 2.37 -43.02 14.43
N GLY B 151 1.44 -43.32 13.52
CA GLY B 151 0.77 -44.64 13.42
C GLY B 151 -0.63 -44.61 14.01
N GLN B 152 -1.10 -45.76 14.51
CA GLN B 152 -2.53 -46.00 14.86
C GLN B 152 -2.69 -46.20 16.38
N ALA B 153 -3.87 -45.86 16.90
CA ALA B 153 -4.27 -46.02 18.32
C ALA B 153 -5.24 -47.22 18.50
N GLN B 154 -5.89 -47.68 17.42
CA GLN B 154 -6.79 -48.86 17.41
C GLN B 154 -6.17 -49.96 16.54
N GLU B 155 -6.75 -51.17 16.56
CA GLU B 155 -6.27 -52.34 15.78
C GLU B 155 -7.31 -53.48 15.84
N SER B 156 -7.69 -54.04 14.69
CA SER B 156 -8.85 -54.96 14.50
C SER B 156 -8.40 -56.38 14.18
N GLU B 157 -9.36 -57.31 14.05
CA GLU B 157 -9.18 -58.78 13.91
C GLU B 157 -10.57 -59.44 13.80
N ALA B 158 -10.62 -60.73 13.47
CA ALA B 158 -11.88 -61.54 13.39
C ALA B 158 -11.90 -62.60 14.50
N CYS B 159 -13.08 -63.16 14.78
CA CYS B 159 -13.32 -64.21 15.81
C CYS B 159 -14.66 -64.90 15.51
N ASP B 160 -14.63 -66.22 15.26
CA ASP B 160 -15.76 -66.98 14.65
C ASP B 160 -16.83 -67.30 15.70
N THR B 161 -16.48 -67.34 16.99
CA THR B 161 -17.40 -67.63 18.14
C THR B 161 -18.28 -68.85 17.81
#